data_5E6Q
#
_entry.id   5E6Q
#
_cell.length_a   78.668
_cell.length_b   90.112
_cell.length_c   100.699
_cell.angle_alpha   90.00
_cell.angle_beta   90.00
_cell.angle_gamma   90.00
#
_symmetry.space_group_name_H-M   'P 21 21 21'
#
loop_
_entity.id
_entity.type
_entity.pdbx_description
1 polymer 'Importin subunit alpha-1'
2 polymer 'DNA repair protein XRCC1 NLS peptide'
3 non-polymer 'SULFATE ION'
4 non-polymer GLYCEROL
5 non-polymer 'CHLORIDE ION'
6 water water
#
loop_
_entity_poly.entity_id
_entity_poly.type
_entity_poly.pdbx_seq_one_letter_code
_entity_poly.pdbx_strand_id
1 'polypeptide(L)'
;MHHHHHHSSGLVPRGSGMKETAAAKFERQHMDSPDLGTDDDDKAMADIGSNQGTVNWSVEDIVKGINSNNLESQLQATQA
ARKLLSREKQPPIDNIIRAGLIPKFVSFLGKTDCSPIQFESAWALTNIASGTSEQTKAVVDGGAIPAFISLLASPHAHIS
EQAVWALGNIAGDGSAFRDLVIKHGAIDPLLALLAVPDLSTLACGYLRNLTWTLSNLCRNKNPAPPLDAVEQILPTLVRL
LHHNDPEVLADSCWAISYLTDGPNERIEMVVKKGVVPQLVKLLGATELPIVTPALRAIGNIVTGTDEQTQKVIDAGALAV
FPSLLTNPKTNIQKEATWTMSNITAGRQDQIQQVVNHGLVPFLVGVLSKADFKTQKEAAWAITNYTSGGTVEQIVYLVHC
GIIEPLMNLLSAKDTKIIQVILDAISNIFQAAEKLGETEKLSIMIEECGGLDKIEALQRHENESVYKASLNLIEKYFSVE
EEEDQNVVPETTSEGFAFQVQDGAPGTFNF
;
B
2 'polypeptide(L)' SPKGKRKLDLNQEEKKTPSKPPAQLSPSVPKRPKLP A
#
loop_
_chem_comp.id
_chem_comp.type
_chem_comp.name
_chem_comp.formula
CL non-polymer 'CHLORIDE ION' 'Cl -1'
GOL non-polymer GLYCEROL 'C3 H8 O3'
SO4 non-polymer 'SULFATE ION' 'O4 S -2'
#
# COMPACT_ATOMS: atom_id res chain seq x y z
N GLY A 53 15.33 39.90 4.53
CA GLY A 53 15.19 40.48 5.85
C GLY A 53 15.03 39.43 6.94
N THR A 54 14.22 38.41 6.65
CA THR A 54 14.01 37.32 7.60
C THR A 54 14.74 36.07 7.14
N VAL A 55 15.87 36.27 6.45
CA VAL A 55 16.64 35.15 5.92
C VAL A 55 17.90 34.90 6.74
N ASN A 56 18.13 33.62 7.06
CA ASN A 56 19.34 33.19 7.76
C ASN A 56 19.53 33.82 9.14
N TRP A 57 18.47 33.81 9.94
CA TRP A 57 18.56 34.26 11.33
C TRP A 57 19.19 33.17 12.18
N SER A 58 19.71 33.56 13.34
CA SER A 58 20.13 32.60 14.34
C SER A 58 18.92 32.26 15.18
N VAL A 59 18.99 31.14 15.90
CA VAL A 59 17.87 30.71 16.75
C VAL A 59 17.62 31.73 17.86
N GLU A 60 18.70 32.27 18.43
CA GLU A 60 18.57 33.25 19.50
C GLU A 60 17.93 34.56 19.01
N ASP A 61 18.21 34.93 17.77
CA ASP A 61 17.56 36.10 17.17
C ASP A 61 16.06 35.86 17.07
N ILE A 62 15.70 34.66 16.64
CA ILE A 62 14.29 34.26 16.51
C ILE A 62 13.60 34.27 17.88
N VAL A 63 14.28 33.72 18.88
CA VAL A 63 13.77 33.73 20.25
C VAL A 63 13.59 35.16 20.74
N LYS A 64 14.55 36.02 20.41
CA LYS A 64 14.53 37.41 20.85
C LYS A 64 13.33 38.16 20.29
N GLY A 65 13.05 37.96 19.00
CA GLY A 65 11.93 38.61 18.35
C GLY A 65 10.58 38.11 18.85
N ILE A 66 10.49 36.80 19.03
CA ILE A 66 9.26 36.17 19.49
C ILE A 66 8.95 36.55 20.94
N ASN A 67 10.00 36.70 21.74
CA ASN A 67 9.83 37.06 23.15
C ASN A 67 9.46 38.52 23.37
N SER A 68 9.60 39.34 22.34
CA SER A 68 9.20 40.73 22.42
C SER A 68 7.68 40.82 22.42
N ASN A 69 7.15 41.88 23.03
CA ASN A 69 5.70 42.09 23.05
C ASN A 69 5.22 42.86 21.82
N ASN A 70 5.99 42.74 20.73
CA ASN A 70 5.67 43.41 19.48
C ASN A 70 5.20 42.38 18.45
N LEU A 71 3.92 42.44 18.09
CA LEU A 71 3.32 41.47 17.18
C LEU A 71 4.02 41.43 15.81
N GLU A 72 4.45 42.59 15.33
CA GLU A 72 5.18 42.67 14.08
C GLU A 72 6.56 42.04 14.19
N SER A 73 7.23 42.29 15.31
CA SER A 73 8.53 41.68 15.58
C SER A 73 8.37 40.16 15.70
N GLN A 74 7.26 39.73 16.30
CA GLN A 74 6.96 38.32 16.43
C GLN A 74 6.69 37.68 15.07
N LEU A 75 5.97 38.41 14.22
CA LEU A 75 5.67 37.94 12.87
C LEU A 75 6.95 37.77 12.05
N GLN A 76 7.85 38.74 12.14
CA GLN A 76 9.10 38.70 11.40
C GLN A 76 10.01 37.58 11.92
N ALA A 77 9.98 37.36 13.23
CA ALA A 77 10.77 36.30 13.84
C ALA A 77 10.20 34.92 13.49
N THR A 78 8.88 34.83 13.42
CA THR A 78 8.21 33.58 13.08
C THR A 78 8.48 33.19 11.63
N GLN A 79 8.47 34.19 10.75
CA GLN A 79 8.77 33.95 9.33
C GLN A 79 10.21 33.49 9.15
N ALA A 80 11.11 34.06 9.95
CA ALA A 80 12.51 33.68 9.93
C ALA A 80 12.68 32.23 10.38
N ALA A 81 11.88 31.83 11.36
CA ALA A 81 11.87 30.45 11.83
C ALA A 81 11.37 29.51 10.74
N ARG A 82 10.34 29.94 10.03
CA ARG A 82 9.78 29.17 8.93
C ARG A 82 10.82 28.93 7.83
N LYS A 83 11.56 29.98 7.49
CA LYS A 83 12.57 29.90 6.44
C LYS A 83 13.74 29.01 6.86
N LEU A 84 14.04 29.02 8.16
CA LEU A 84 15.07 28.13 8.71
C LEU A 84 14.62 26.67 8.60
N LEU A 85 13.35 26.44 8.88
CA LEU A 85 12.79 25.10 8.86
C LEU A 85 12.43 24.67 7.44
N SER A 86 12.69 25.55 6.46
CA SER A 86 12.35 25.26 5.08
C SER A 86 13.55 24.88 4.22
N ARG A 87 14.76 25.11 4.72
CA ARG A 87 15.96 24.73 3.99
C ARG A 87 16.14 23.21 3.98
N GLU A 88 16.27 22.65 2.79
CA GLU A 88 16.32 21.20 2.61
C GLU A 88 17.52 20.55 3.30
N LYS A 89 18.58 21.33 3.46
CA LYS A 89 19.81 20.82 4.07
C LYS A 89 19.79 20.92 5.59
N GLN A 90 19.33 19.86 6.24
CA GLN A 90 19.35 19.74 7.70
C GLN A 90 18.79 20.95 8.45
N PRO A 91 17.45 21.10 8.44
CA PRO A 91 16.83 22.19 9.21
C PRO A 91 16.99 21.98 10.72
N PRO A 92 17.36 23.04 11.45
CA PRO A 92 17.64 22.95 12.88
C PRO A 92 16.37 22.76 13.72
N ILE A 93 15.67 21.66 13.49
CA ILE A 93 14.41 21.38 14.16
C ILE A 93 14.58 21.25 15.68
N ASP A 94 15.58 20.48 16.10
CA ASP A 94 15.82 20.25 17.51
C ASP A 94 16.23 21.52 18.25
N ASN A 95 16.94 22.41 17.56
CA ASN A 95 17.30 23.70 18.13
C ASN A 95 16.07 24.56 18.39
N ILE A 96 15.14 24.54 17.44
CA ILE A 96 13.89 25.29 17.58
C ILE A 96 13.06 24.76 18.73
N ILE A 97 13.03 23.43 18.87
CA ILE A 97 12.28 22.79 19.94
C ILE A 97 12.88 23.09 21.32
N ARG A 98 14.20 22.95 21.43
CA ARG A 98 14.88 23.20 22.70
C ARG A 98 14.73 24.64 23.17
N ALA A 99 14.55 25.56 22.23
CA ALA A 99 14.38 26.97 22.54
C ALA A 99 12.98 27.26 23.10
N GLY A 100 12.12 26.25 23.10
CA GLY A 100 10.78 26.37 23.64
C GLY A 100 9.88 27.23 22.78
N LEU A 101 10.05 27.13 21.46
CA LEU A 101 9.31 27.96 20.52
C LEU A 101 7.97 27.37 20.11
N ILE A 102 7.81 26.06 20.31
CA ILE A 102 6.58 25.37 19.92
C ILE A 102 5.29 25.91 20.56
N PRO A 103 5.27 26.11 21.90
CA PRO A 103 4.05 26.67 22.48
C PRO A 103 3.73 28.07 21.96
N LYS A 104 4.76 28.83 21.61
CA LYS A 104 4.58 30.16 21.05
C LYS A 104 3.93 30.10 19.67
N PHE A 105 4.42 29.20 18.83
CA PHE A 105 3.87 29.00 17.50
C PHE A 105 2.42 28.58 17.56
N VAL A 106 2.11 27.70 18.51
CA VAL A 106 0.75 27.20 18.70
C VAL A 106 -0.21 28.33 19.10
N SER A 107 0.27 29.21 19.98
CA SER A 107 -0.53 30.35 20.40
C SER A 107 -0.77 31.31 19.23
N PHE A 108 0.20 31.41 18.34
CA PHE A 108 0.10 32.27 17.16
C PHE A 108 -0.97 31.77 16.19
N LEU A 109 -1.28 30.47 16.27
CA LEU A 109 -2.29 29.88 15.41
C LEU A 109 -3.67 30.43 15.72
N GLY A 110 -3.86 30.91 16.95
CA GLY A 110 -5.15 31.41 17.39
C GLY A 110 -5.38 32.88 17.11
N LYS A 111 -4.34 33.56 16.64
CA LYS A 111 -4.45 34.99 16.35
C LYS A 111 -5.17 35.26 15.04
N THR A 112 -6.50 35.18 15.08
CA THR A 112 -7.33 35.42 13.91
C THR A 112 -7.18 36.86 13.42
N ASP A 113 -6.83 37.75 14.33
CA ASP A 113 -6.62 39.16 14.01
C ASP A 113 -5.39 39.39 13.13
N CYS A 114 -4.48 38.42 13.14
CA CYS A 114 -3.26 38.51 12.34
C CYS A 114 -3.01 37.23 11.54
N SER A 115 -3.66 37.13 10.39
CA SER A 115 -3.54 35.95 9.54
C SER A 115 -2.12 35.60 9.03
N PRO A 116 -1.27 36.61 8.75
CA PRO A 116 0.09 36.22 8.32
C PRO A 116 0.87 35.41 9.37
N ILE A 117 0.71 35.74 10.64
CA ILE A 117 1.43 35.02 11.69
C ILE A 117 0.81 33.65 11.95
N GLN A 118 -0.47 33.51 11.60
CA GLN A 118 -1.13 32.22 11.67
C GLN A 118 -0.53 31.30 10.62
N PHE A 119 -0.27 31.87 9.43
CA PHE A 119 0.26 31.10 8.32
C PHE A 119 1.72 30.71 8.53
N GLU A 120 2.54 31.66 8.97
CA GLU A 120 3.95 31.40 9.20
C GLU A 120 4.18 30.36 10.29
N SER A 121 3.42 30.46 11.37
CA SER A 121 3.51 29.51 12.47
C SER A 121 2.99 28.13 12.06
N ALA A 122 1.93 28.11 11.25
CA ALA A 122 1.38 26.85 10.75
C ALA A 122 2.38 26.15 9.84
N TRP A 123 3.05 26.92 9.00
CA TRP A 123 4.08 26.40 8.10
C TRP A 123 5.25 25.87 8.93
N ALA A 124 5.67 26.65 9.92
CA ALA A 124 6.79 26.27 10.78
C ALA A 124 6.49 24.99 11.55
N LEU A 125 5.28 24.91 12.10
CA LEU A 125 4.87 23.74 12.86
C LEU A 125 4.69 22.52 11.95
N THR A 126 4.32 22.77 10.70
CA THR A 126 4.16 21.71 9.71
C THR A 126 5.49 20.99 9.47
N ASN A 127 6.55 21.77 9.30
CA ASN A 127 7.86 21.21 9.02
C ASN A 127 8.50 20.50 10.21
N ILE A 128 8.19 20.96 11.42
CA ILE A 128 8.65 20.29 12.63
C ILE A 128 7.94 18.94 12.76
N ALA A 129 6.65 18.94 12.44
CA ALA A 129 5.83 17.74 12.53
C ALA A 129 6.16 16.74 11.43
N SER A 130 6.92 17.19 10.43
CA SER A 130 7.31 16.33 9.32
C SER A 130 8.55 15.51 9.64
N GLY A 131 9.15 15.79 10.80
CA GLY A 131 10.39 15.13 11.20
C GLY A 131 10.18 13.81 11.89
N THR A 132 11.01 13.54 12.89
CA THR A 132 10.94 12.29 13.64
C THR A 132 9.69 12.21 14.51
N SER A 133 9.45 11.05 15.10
CA SER A 133 8.29 10.86 15.96
C SER A 133 8.36 11.76 17.20
N GLU A 134 9.56 11.92 17.74
CA GLU A 134 9.74 12.78 18.91
C GLU A 134 9.49 14.24 18.57
N GLN A 135 9.85 14.63 17.36
CA GLN A 135 9.62 15.99 16.89
C GLN A 135 8.14 16.23 16.62
N THR A 136 7.48 15.22 16.06
CA THR A 136 6.03 15.28 15.84
C THR A 136 5.31 15.32 17.20
N LYS A 137 5.81 14.53 18.14
CA LYS A 137 5.26 14.47 19.48
C LYS A 137 5.34 15.83 20.17
N ALA A 138 6.45 16.52 19.97
CA ALA A 138 6.67 17.85 20.55
C ALA A 138 5.62 18.83 20.06
N VAL A 139 5.24 18.71 18.79
CA VAL A 139 4.20 19.54 18.20
C VAL A 139 2.85 19.22 18.85
N VAL A 140 2.56 17.93 18.98
CA VAL A 140 1.31 17.48 19.59
C VAL A 140 1.23 17.91 21.05
N ASP A 141 2.35 17.76 21.77
CA ASP A 141 2.41 18.13 23.18
C ASP A 141 2.19 19.62 23.38
N GLY A 142 2.44 20.41 22.34
CA GLY A 142 2.23 21.84 22.39
C GLY A 142 0.77 22.23 22.24
N GLY A 143 -0.09 21.23 22.02
CA GLY A 143 -1.51 21.47 21.88
C GLY A 143 -1.91 21.93 20.49
N ALA A 144 -1.14 21.51 19.49
CA ALA A 144 -1.33 21.98 18.12
C ALA A 144 -2.54 21.35 17.42
N ILE A 145 -2.94 20.17 17.85
CA ILE A 145 -4.04 19.46 17.19
C ILE A 145 -5.38 20.22 17.16
N PRO A 146 -5.89 20.63 18.34
CA PRO A 146 -7.17 21.35 18.26
C PRO A 146 -7.01 22.74 17.63
N ALA A 147 -5.80 23.29 17.70
CA ALA A 147 -5.52 24.60 17.12
C ALA A 147 -5.54 24.52 15.59
N PHE A 148 -5.01 23.45 15.05
CA PHE A 148 -5.00 23.24 13.60
C PHE A 148 -6.39 22.90 13.06
N ILE A 149 -7.17 22.20 13.86
CA ILE A 149 -8.54 21.86 13.48
C ILE A 149 -9.42 23.11 13.40
N SER A 150 -9.15 24.06 14.28
CA SER A 150 -9.84 25.35 14.24
C SER A 150 -9.47 26.13 13.00
N LEU A 151 -8.23 25.97 12.55
CA LEU A 151 -7.73 26.67 11.37
C LEU A 151 -8.32 26.13 10.07
N LEU A 152 -8.97 24.97 10.15
CA LEU A 152 -9.61 24.38 8.97
C LEU A 152 -10.80 25.22 8.52
N ALA A 153 -11.32 26.06 9.42
CA ALA A 153 -12.47 26.90 9.12
C ALA A 153 -12.04 28.30 8.67
N SER A 154 -10.74 28.49 8.51
CA SER A 154 -10.19 29.79 8.11
C SER A 154 -10.70 30.23 6.74
N PRO A 155 -11.05 31.52 6.61
CA PRO A 155 -11.52 32.09 5.34
C PRO A 155 -10.37 32.18 4.33
N HIS A 156 -9.13 32.12 4.83
CA HIS A 156 -7.96 32.14 3.96
C HIS A 156 -7.58 30.73 3.55
N ALA A 157 -7.64 30.48 2.23
CA ALA A 157 -7.43 29.13 1.69
C ALA A 157 -6.02 28.60 1.96
N HIS A 158 -5.03 29.47 1.92
CA HIS A 158 -3.64 29.06 2.12
C HIS A 158 -3.36 28.69 3.57
N ILE A 159 -4.17 29.23 4.48
CA ILE A 159 -4.03 28.93 5.90
C ILE A 159 -4.68 27.60 6.26
N SER A 160 -5.91 27.40 5.77
CA SER A 160 -6.62 26.15 6.01
C SER A 160 -5.90 24.98 5.35
N GLU A 161 -5.29 25.24 4.20
CA GLU A 161 -4.49 24.24 3.50
C GLU A 161 -3.29 23.83 4.35
N GLN A 162 -2.68 24.82 5.01
CA GLN A 162 -1.51 24.56 5.83
C GLN A 162 -1.91 23.74 7.06
N ALA A 163 -3.11 23.98 7.56
CA ALA A 163 -3.64 23.22 8.68
C ALA A 163 -3.91 21.78 8.26
N VAL A 164 -4.40 21.60 7.03
CA VAL A 164 -4.61 20.28 6.46
C VAL A 164 -3.28 19.53 6.37
N TRP A 165 -2.26 20.21 5.87
CA TRP A 165 -0.92 19.65 5.71
C TRP A 165 -0.36 19.22 7.06
N ALA A 166 -0.44 20.10 8.05
CA ALA A 166 0.11 19.85 9.38
C ALA A 166 -0.56 18.65 10.04
N LEU A 167 -1.88 18.59 9.94
CA LEU A 167 -2.64 17.47 10.49
C LEU A 167 -2.29 16.16 9.79
N GLY A 168 -1.93 16.27 8.51
CA GLY A 168 -1.50 15.11 7.74
C GLY A 168 -0.20 14.54 8.27
N ASN A 169 0.74 15.42 8.59
CA ASN A 169 2.02 15.01 9.16
C ASN A 169 1.86 14.38 10.53
N ILE A 170 0.95 14.93 11.33
CA ILE A 170 0.69 14.42 12.68
C ILE A 170 0.04 13.04 12.61
N ALA A 171 -0.98 12.90 11.78
CA ALA A 171 -1.67 11.64 11.61
C ALA A 171 -0.77 10.58 10.97
N GLY A 172 0.13 11.02 10.10
CA GLY A 172 1.02 10.13 9.38
C GLY A 172 2.09 9.49 10.25
N ASP A 173 2.21 9.98 11.49
CA ASP A 173 3.23 9.47 12.40
C ASP A 173 2.94 8.04 12.87
N GLY A 174 1.66 7.72 13.07
CA GLY A 174 1.28 6.39 13.52
C GLY A 174 -0.16 6.32 13.96
N SER A 175 -0.59 5.12 14.37
CA SER A 175 -1.98 4.86 14.75
C SER A 175 -2.47 5.74 15.90
N ALA A 176 -1.62 5.94 16.90
CA ALA A 176 -1.97 6.70 18.09
C ALA A 176 -2.32 8.15 17.77
N PHE A 177 -1.40 8.83 17.10
CA PHE A 177 -1.63 10.22 16.71
C PHE A 177 -2.73 10.34 15.67
N ARG A 178 -2.85 9.33 14.82
CA ARG A 178 -3.92 9.26 13.83
C ARG A 178 -5.27 9.26 14.53
N ASP A 179 -5.42 8.40 15.52
CA ASP A 179 -6.67 8.28 16.26
C ASP A 179 -6.93 9.49 17.15
N LEU A 180 -5.87 10.11 17.64
CA LEU A 180 -5.99 11.30 18.47
C LEU A 180 -6.50 12.48 17.64
N VAL A 181 -5.98 12.60 16.43
CA VAL A 181 -6.45 13.61 15.48
C VAL A 181 -7.94 13.41 15.19
N ILE A 182 -8.34 12.15 15.03
CA ILE A 182 -9.74 11.82 14.79
C ILE A 182 -10.60 12.16 16.01
N LYS A 183 -10.11 11.84 17.20
CA LYS A 183 -10.83 12.11 18.44
C LYS A 183 -11.08 13.61 18.65
N HIS A 184 -10.13 14.43 18.21
CA HIS A 184 -10.27 15.87 18.31
C HIS A 184 -11.28 16.42 17.30
N GLY A 185 -11.80 15.55 16.45
CA GLY A 185 -12.87 15.90 15.53
C GLY A 185 -12.41 16.54 14.23
N ALA A 186 -11.37 15.98 13.64
CA ALA A 186 -10.79 16.55 12.42
C ALA A 186 -11.55 16.16 11.15
N ILE A 187 -12.21 15.00 11.17
CA ILE A 187 -12.82 14.46 9.97
C ILE A 187 -13.92 15.33 9.37
N ASP A 188 -14.85 15.79 10.19
CA ASP A 188 -15.95 16.65 9.70
C ASP A 188 -15.48 17.93 8.98
N PRO A 189 -14.60 18.73 9.60
CA PRO A 189 -14.18 19.93 8.87
C PRO A 189 -13.30 19.62 7.65
N LEU A 190 -12.59 18.49 7.68
CA LEU A 190 -11.79 18.07 6.54
C LEU A 190 -12.68 17.73 5.35
N LEU A 191 -13.73 16.94 5.61
CA LEU A 191 -14.64 16.52 4.56
C LEU A 191 -15.49 17.68 4.05
N ALA A 192 -15.72 18.66 4.92
CA ALA A 192 -16.53 19.83 4.57
C ALA A 192 -15.82 20.68 3.52
N LEU A 193 -14.50 20.62 3.51
CA LEU A 193 -13.69 21.35 2.53
C LEU A 193 -13.84 20.76 1.14
N LEU A 194 -14.34 19.53 1.08
CA LEU A 194 -14.52 18.83 -0.19
C LEU A 194 -15.99 18.76 -0.58
N ALA A 195 -16.84 19.44 0.18
CA ALA A 195 -18.27 19.47 -0.08
C ALA A 195 -18.62 20.48 -1.17
N VAL A 196 -18.12 20.24 -2.37
CA VAL A 196 -18.41 21.09 -3.52
C VAL A 196 -18.99 20.23 -4.65
N PRO A 197 -19.85 20.84 -5.50
CA PRO A 197 -20.48 20.10 -6.61
C PRO A 197 -19.46 19.49 -7.56
N ASP A 198 -18.37 20.20 -7.82
CA ASP A 198 -17.32 19.73 -8.73
C ASP A 198 -15.93 19.98 -8.15
N LEU A 199 -15.19 18.90 -7.95
CA LEU A 199 -13.86 18.96 -7.34
C LEU A 199 -12.87 19.78 -8.18
N SER A 200 -13.15 19.91 -9.47
CA SER A 200 -12.25 20.60 -10.40
C SER A 200 -12.16 22.10 -10.13
N THR A 201 -13.10 22.63 -9.37
CA THR A 201 -13.10 24.06 -9.05
C THR A 201 -12.13 24.39 -7.93
N LEU A 202 -11.68 23.36 -7.23
CA LEU A 202 -10.71 23.53 -6.15
C LEU A 202 -9.30 23.66 -6.70
N ALA A 203 -8.45 24.39 -5.99
CA ALA A 203 -7.06 24.54 -6.37
C ALA A 203 -6.37 23.18 -6.39
N CYS A 204 -5.51 22.97 -7.39
CA CYS A 204 -4.87 21.68 -7.59
C CYS A 204 -4.09 21.19 -6.38
N GLY A 205 -3.20 22.04 -5.87
CA GLY A 205 -2.39 21.70 -4.70
C GLY A 205 -3.23 21.54 -3.45
N TYR A 206 -4.30 22.31 -3.37
CA TYR A 206 -5.22 22.26 -2.23
C TYR A 206 -5.90 20.90 -2.16
N LEU A 207 -6.38 20.42 -3.30
CA LEU A 207 -7.07 19.13 -3.38
C LEU A 207 -6.11 17.98 -3.13
N ARG A 208 -4.88 18.11 -3.63
CA ARG A 208 -3.87 17.07 -3.45
C ARG A 208 -3.49 16.90 -1.97
N ASN A 209 -3.36 18.01 -1.26
CA ASN A 209 -3.03 17.96 0.17
C ASN A 209 -4.13 17.33 0.99
N LEU A 210 -5.37 17.68 0.68
CA LEU A 210 -6.54 17.12 1.36
C LEU A 210 -6.62 15.61 1.16
N THR A 211 -6.41 15.16 -0.08
CA THR A 211 -6.45 13.75 -0.40
C THR A 211 -5.34 13.00 0.33
N TRP A 212 -4.15 13.58 0.36
CA TRP A 212 -3.00 12.98 1.03
C TRP A 212 -3.24 12.87 2.54
N THR A 213 -3.78 13.93 3.13
CA THR A 213 -4.08 13.94 4.56
C THR A 213 -5.14 12.90 4.90
N LEU A 214 -6.15 12.80 4.05
CA LEU A 214 -7.21 11.81 4.24
C LEU A 214 -6.68 10.38 4.16
N SER A 215 -5.69 10.17 3.30
CA SER A 215 -5.10 8.84 3.14
C SER A 215 -4.29 8.44 4.38
N ASN A 216 -3.75 9.44 5.08
CA ASN A 216 -3.02 9.18 6.32
C ASN A 216 -3.95 8.81 7.46
N LEU A 217 -5.20 9.26 7.38
CA LEU A 217 -6.22 8.88 8.35
C LEU A 217 -6.69 7.44 8.12
N CYS A 218 -6.42 6.94 6.92
CA CYS A 218 -6.76 5.56 6.57
C CYS A 218 -5.56 4.65 6.77
N ARG A 219 -4.41 5.25 7.04
CA ARG A 219 -3.15 4.53 7.06
C ARG A 219 -2.91 3.80 8.39
N ASN A 220 -1.99 2.84 8.36
CA ASN A 220 -1.52 2.11 9.54
C ASN A 220 -2.49 1.12 10.17
N LYS A 221 -1.92 0.07 10.76
CA LYS A 221 -2.69 -0.96 11.44
C LYS A 221 -2.19 -1.09 12.87
N ASN A 222 -2.72 -2.08 13.59
CA ASN A 222 -2.42 -2.27 15.02
C ASN A 222 -2.53 -1.00 15.87
N PRO A 223 -3.75 -0.45 16.00
CA PRO A 223 -4.99 -0.92 15.37
C PRO A 223 -5.28 -0.19 14.06
N ALA A 224 -6.19 -0.76 13.27
CA ALA A 224 -6.69 -0.09 12.07
C ALA A 224 -7.54 1.10 12.49
N PRO A 225 -7.78 2.04 11.57
CA PRO A 225 -8.64 3.20 11.90
C PRO A 225 -10.02 2.75 12.40
N PRO A 226 -10.65 3.56 13.25
CA PRO A 226 -11.99 3.25 13.78
C PRO A 226 -13.00 3.01 12.66
N LEU A 227 -13.85 2.01 12.83
CA LEU A 227 -14.85 1.64 11.82
C LEU A 227 -15.73 2.83 11.45
N ASP A 228 -16.15 3.58 12.46
N ASP A 228 -16.16 3.57 12.46
CA ASP A 228 -17.02 4.74 12.22
CA ASP A 228 -17.00 4.75 12.28
C ASP A 228 -16.31 5.86 11.48
C ASP A 228 -16.29 5.79 11.43
N ALA A 229 -14.99 5.94 11.67
CA ALA A 229 -14.18 6.92 10.95
C ALA A 229 -14.04 6.54 9.49
N VAL A 230 -13.82 5.25 9.23
CA VAL A 230 -13.66 4.75 7.87
C VAL A 230 -14.95 4.91 7.07
N GLU A 231 -16.07 4.59 7.69
CA GLU A 231 -17.38 4.73 7.06
C GLU A 231 -17.68 6.18 6.71
N GLN A 232 -17.18 7.09 7.54
CA GLN A 232 -17.40 8.52 7.34
C GLN A 232 -16.57 9.05 6.18
N ILE A 233 -15.37 8.50 6.03
CA ILE A 233 -14.42 8.96 5.01
C ILE A 233 -14.69 8.34 3.63
N LEU A 234 -15.07 7.07 3.62
CA LEU A 234 -15.26 6.30 2.38
C LEU A 234 -16.00 6.98 1.22
N PRO A 235 -17.19 7.56 1.47
CA PRO A 235 -17.93 8.19 0.37
C PRO A 235 -17.13 9.29 -0.34
N THR A 236 -16.38 10.08 0.43
CA THR A 236 -15.53 11.11 -0.14
C THR A 236 -14.37 10.47 -0.90
N LEU A 237 -13.85 9.39 -0.34
CA LEU A 237 -12.74 8.66 -0.94
C LEU A 237 -13.12 8.07 -2.29
N VAL A 238 -14.35 7.57 -2.38
CA VAL A 238 -14.87 7.02 -3.63
C VAL A 238 -14.97 8.11 -4.69
N ARG A 239 -15.39 9.30 -4.28
CA ARG A 239 -15.54 10.43 -5.18
CA ARG A 239 -15.55 10.42 -5.18
C ARG A 239 -14.19 10.91 -5.69
N LEU A 240 -13.19 10.88 -4.81
CA LEU A 240 -11.84 11.28 -5.18
C LEU A 240 -11.23 10.27 -6.14
N LEU A 241 -11.71 9.04 -6.08
CA LEU A 241 -11.21 7.95 -6.91
C LEU A 241 -11.66 8.12 -8.36
N HIS A 242 -12.62 9.00 -8.58
CA HIS A 242 -13.12 9.28 -9.93
C HIS A 242 -12.63 10.62 -10.45
N HIS A 243 -11.74 11.28 -9.70
CA HIS A 243 -11.16 12.55 -10.13
C HIS A 243 -10.17 12.31 -11.27
N ASN A 244 -9.77 13.36 -11.96
CA ASN A 244 -8.93 13.23 -13.14
C ASN A 244 -7.45 13.53 -12.91
N ASP A 245 -7.11 14.04 -11.73
CA ASP A 245 -5.72 14.35 -11.41
C ASP A 245 -4.97 13.11 -10.93
N PRO A 246 -3.84 12.80 -11.58
CA PRO A 246 -3.02 11.60 -11.30
C PRO A 246 -2.59 11.48 -9.85
N GLU A 247 -2.17 12.59 -9.24
CA GLU A 247 -1.71 12.56 -7.85
C GLU A 247 -2.86 12.31 -6.88
N VAL A 248 -4.01 12.91 -7.15
CA VAL A 248 -5.20 12.66 -6.35
C VAL A 248 -5.61 11.20 -6.48
N LEU A 249 -5.55 10.69 -7.70
CA LEU A 249 -5.87 9.28 -7.97
C LEU A 249 -4.92 8.33 -7.26
N ALA A 250 -3.63 8.68 -7.29
CA ALA A 250 -2.60 7.85 -6.67
C ALA A 250 -2.81 7.75 -5.16
N ASP A 251 -3.03 8.89 -4.52
CA ASP A 251 -3.26 8.93 -3.08
C ASP A 251 -4.60 8.30 -2.68
N SER A 252 -5.59 8.43 -3.56
CA SER A 252 -6.90 7.82 -3.32
C SER A 252 -6.77 6.30 -3.34
N CYS A 253 -5.98 5.79 -4.28
CA CYS A 253 -5.76 4.34 -4.38
C CYS A 253 -4.96 3.81 -3.20
N TRP A 254 -3.99 4.59 -2.72
CA TRP A 254 -3.21 4.22 -1.55
C TRP A 254 -4.11 4.11 -0.32
N ALA A 255 -5.01 5.08 -0.18
CA ALA A 255 -5.96 5.09 0.93
C ALA A 255 -6.84 3.84 0.91
N ILE A 256 -7.33 3.49 -0.28
CA ILE A 256 -8.14 2.30 -0.46
C ILE A 256 -7.34 1.05 -0.14
N SER A 257 -6.07 1.04 -0.56
CA SER A 257 -5.19 -0.10 -0.32
C SER A 257 -4.93 -0.29 1.17
N TYR A 258 -4.87 0.81 1.92
CA TYR A 258 -4.68 0.75 3.36
C TYR A 258 -5.89 0.11 4.02
N LEU A 259 -7.08 0.53 3.61
CA LEU A 259 -8.32 0.07 4.21
C LEU A 259 -8.62 -1.39 3.89
N THR A 260 -8.10 -1.88 2.77
CA THR A 260 -8.34 -3.26 2.34
C THR A 260 -7.29 -4.22 2.88
N ASP A 261 -6.31 -3.69 3.61
CA ASP A 261 -5.27 -4.52 4.21
C ASP A 261 -5.63 -4.93 5.63
N GLY A 262 -6.37 -6.03 5.76
CA GLY A 262 -6.79 -6.52 7.06
C GLY A 262 -7.84 -7.61 6.95
N PRO A 263 -8.65 -7.77 8.00
CA PRO A 263 -9.74 -8.77 8.02
C PRO A 263 -10.74 -8.55 6.90
N ASN A 264 -11.44 -9.60 6.51
CA ASN A 264 -12.39 -9.52 5.40
C ASN A 264 -13.54 -8.54 5.65
N GLU A 265 -13.78 -8.23 6.91
CA GLU A 265 -14.81 -7.26 7.28
C GLU A 265 -14.39 -5.87 6.82
N ARG A 266 -13.10 -5.58 6.91
CA ARG A 266 -12.55 -4.32 6.43
C ARG A 266 -12.66 -4.25 4.91
N ILE A 267 -12.34 -5.36 4.26
CA ILE A 267 -12.44 -5.44 2.81
C ILE A 267 -13.88 -5.24 2.35
N GLU A 268 -14.82 -5.85 3.08
CA GLU A 268 -16.23 -5.78 2.73
C GLU A 268 -16.78 -4.36 2.73
N MET A 269 -16.32 -3.55 3.69
CA MET A 269 -16.72 -2.15 3.79
C MET A 269 -16.39 -1.40 2.50
N VAL A 270 -15.22 -1.70 1.95
CA VAL A 270 -14.75 -1.04 0.73
C VAL A 270 -15.47 -1.57 -0.50
N VAL A 271 -15.55 -2.89 -0.62
CA VAL A 271 -16.19 -3.53 -1.77
C VAL A 271 -17.66 -3.15 -1.88
N LYS A 272 -18.32 -2.99 -0.75
CA LYS A 272 -19.72 -2.58 -0.72
C LYS A 272 -19.95 -1.21 -1.35
N LYS A 273 -18.90 -0.40 -1.41
CA LYS A 273 -18.99 0.93 -1.99
C LYS A 273 -18.91 0.90 -3.52
N GLY A 274 -18.70 -0.29 -4.07
CA GLY A 274 -18.67 -0.47 -5.52
C GLY A 274 -17.49 0.19 -6.20
N VAL A 275 -16.32 0.14 -5.57
CA VAL A 275 -15.13 0.80 -6.10
C VAL A 275 -14.28 -0.12 -6.96
N VAL A 276 -14.55 -1.42 -6.90
CA VAL A 276 -13.76 -2.41 -7.64
C VAL A 276 -13.64 -2.16 -9.15
N PRO A 277 -14.77 -1.85 -9.83
CA PRO A 277 -14.64 -1.55 -11.27
C PRO A 277 -13.72 -0.36 -11.54
N GLN A 278 -13.78 0.66 -10.69
CA GLN A 278 -12.93 1.83 -10.85
C GLN A 278 -11.47 1.49 -10.57
N LEU A 279 -11.24 0.62 -9.59
CA LEU A 279 -9.90 0.16 -9.26
C LEU A 279 -9.29 -0.63 -10.42
N VAL A 280 -10.12 -1.45 -11.08
CA VAL A 280 -9.68 -2.21 -12.24
C VAL A 280 -9.38 -1.29 -13.42
N LYS A 281 -10.15 -0.22 -13.55
CA LYS A 281 -9.93 0.77 -14.59
C LYS A 281 -8.59 1.47 -14.37
N LEU A 282 -8.31 1.82 -13.12
CA LEU A 282 -7.07 2.48 -12.76
C LEU A 282 -5.89 1.50 -12.83
N LEU A 283 -6.20 0.21 -12.82
CA LEU A 283 -5.19 -0.82 -12.94
C LEU A 283 -4.57 -0.80 -14.33
N GLY A 284 -5.33 -0.30 -15.30
CA GLY A 284 -4.87 -0.23 -16.67
C GLY A 284 -4.35 1.14 -17.06
N ALA A 285 -4.14 2.00 -16.06
CA ALA A 285 -3.62 3.34 -16.29
C ALA A 285 -2.18 3.29 -16.82
N THR A 286 -1.75 4.37 -17.45
CA THR A 286 -0.39 4.44 -17.98
C THR A 286 0.58 4.91 -16.90
N GLU A 287 0.07 5.70 -15.95
CA GLU A 287 0.91 6.22 -14.87
C GLU A 287 1.21 5.13 -13.84
N LEU A 288 2.49 4.81 -13.71
CA LEU A 288 2.95 3.84 -12.72
C LEU A 288 2.56 4.18 -11.27
N PRO A 289 2.65 5.48 -10.87
CA PRO A 289 2.20 5.80 -9.50
C PRO A 289 0.72 5.57 -9.26
N ILE A 290 -0.05 5.28 -10.30
CA ILE A 290 -1.47 4.97 -10.16
C ILE A 290 -1.68 3.45 -10.16
N VAL A 291 -0.97 2.76 -11.04
CA VAL A 291 -1.08 1.31 -11.16
C VAL A 291 -0.62 0.60 -9.89
N THR A 292 0.44 1.09 -9.28
CA THR A 292 1.01 0.47 -8.09
C THR A 292 0.03 0.35 -6.91
N PRO A 293 -0.58 1.47 -6.48
CA PRO A 293 -1.52 1.32 -5.36
C PRO A 293 -2.84 0.67 -5.78
N ALA A 294 -3.20 0.79 -7.06
CA ALA A 294 -4.41 0.15 -7.57
C ALA A 294 -4.24 -1.36 -7.55
N LEU A 295 -3.05 -1.83 -7.89
CA LEU A 295 -2.74 -3.24 -7.88
C LEU A 295 -2.68 -3.77 -6.45
N ARG A 296 -2.11 -2.97 -5.56
CA ARG A 296 -2.04 -3.32 -4.15
C ARG A 296 -3.42 -3.49 -3.55
N ALA A 297 -4.32 -2.57 -3.91
CA ALA A 297 -5.70 -2.62 -3.44
C ALA A 297 -6.40 -3.87 -3.94
N ILE A 298 -6.30 -4.11 -5.24
CA ILE A 298 -6.88 -5.30 -5.86
C ILE A 298 -6.29 -6.57 -5.23
N GLY A 299 -4.99 -6.55 -4.97
CA GLY A 299 -4.31 -7.66 -4.35
C GLY A 299 -4.82 -7.93 -2.95
N ASN A 300 -5.11 -6.87 -2.21
CA ASN A 300 -5.65 -7.00 -0.86
C ASN A 300 -7.05 -7.59 -0.86
N ILE A 301 -7.86 -7.16 -1.83
CA ILE A 301 -9.25 -7.60 -1.91
C ILE A 301 -9.37 -9.10 -2.19
N VAL A 302 -8.47 -9.64 -3.01
CA VAL A 302 -8.52 -11.06 -3.36
C VAL A 302 -7.91 -11.96 -2.28
N THR A 303 -7.52 -11.35 -1.16
CA THR A 303 -7.07 -12.12 0.00
C THR A 303 -8.28 -12.46 0.87
N GLY A 304 -9.42 -11.88 0.52
CA GLY A 304 -10.65 -12.07 1.27
C GLY A 304 -11.39 -13.34 0.90
N THR A 305 -12.71 -13.24 0.84
CA THR A 305 -13.56 -14.38 0.53
C THR A 305 -13.60 -14.64 -0.97
N ASP A 306 -14.17 -15.79 -1.34
CA ASP A 306 -14.33 -16.15 -2.73
C ASP A 306 -15.28 -15.17 -3.42
N GLU A 307 -16.28 -14.71 -2.68
CA GLU A 307 -17.26 -13.78 -3.20
C GLU A 307 -16.64 -12.41 -3.47
N GLN A 308 -15.76 -11.98 -2.57
CA GLN A 308 -15.06 -10.72 -2.74
C GLN A 308 -14.05 -10.82 -3.89
N THR A 309 -13.42 -11.99 -4.01
CA THR A 309 -12.50 -12.24 -5.11
C THR A 309 -13.24 -12.24 -6.44
N GLN A 310 -14.48 -12.72 -6.43
CA GLN A 310 -15.28 -12.81 -7.63
C GLN A 310 -15.63 -11.42 -8.19
N LYS A 311 -15.79 -10.46 -7.29
CA LYS A 311 -16.07 -9.07 -7.69
C LYS A 311 -14.93 -8.52 -8.54
N VAL A 312 -13.71 -8.88 -8.15
CA VAL A 312 -12.52 -8.46 -8.89
C VAL A 312 -12.52 -9.08 -10.29
N ILE A 313 -12.82 -10.37 -10.37
CA ILE A 313 -12.86 -11.08 -11.64
C ILE A 313 -13.97 -10.55 -12.55
N ASP A 314 -15.16 -10.35 -11.97
CA ASP A 314 -16.31 -9.85 -12.72
C ASP A 314 -16.07 -8.45 -13.27
N ALA A 315 -15.21 -7.69 -12.60
CA ALA A 315 -14.88 -6.34 -13.03
C ALA A 315 -13.93 -6.35 -14.23
N GLY A 316 -13.38 -7.53 -14.53
CA GLY A 316 -12.53 -7.70 -15.70
C GLY A 316 -11.06 -7.47 -15.44
N ALA A 317 -10.62 -7.75 -14.22
CA ALA A 317 -9.24 -7.50 -13.81
C ALA A 317 -8.24 -8.43 -14.49
N LEU A 318 -8.66 -9.66 -14.78
CA LEU A 318 -7.76 -10.67 -15.34
C LEU A 318 -7.22 -10.28 -16.72
N ALA A 319 -7.95 -9.45 -17.44
CA ALA A 319 -7.56 -9.05 -18.78
C ALA A 319 -6.37 -8.08 -18.78
N VAL A 320 -6.03 -7.56 -17.60
CA VAL A 320 -4.93 -6.62 -17.47
C VAL A 320 -3.63 -7.35 -17.14
N PHE A 321 -3.76 -8.56 -16.60
CA PHE A 321 -2.62 -9.33 -16.13
C PHE A 321 -1.55 -9.81 -17.14
N PRO A 322 -1.91 -9.97 -18.43
CA PRO A 322 -0.81 -10.21 -19.38
C PRO A 322 0.24 -9.10 -19.36
N SER A 323 -0.20 -7.85 -19.21
CA SER A 323 0.72 -6.72 -19.11
C SER A 323 1.41 -6.69 -17.76
N LEU A 324 0.64 -6.88 -16.70
CA LEU A 324 1.16 -6.79 -15.33
C LEU A 324 2.20 -7.87 -15.02
N LEU A 325 1.97 -9.07 -15.55
CA LEU A 325 2.87 -10.19 -15.29
C LEU A 325 4.15 -10.12 -16.13
N THR A 326 4.20 -9.17 -17.05
CA THR A 326 5.39 -8.94 -17.85
C THR A 326 5.85 -7.48 -17.72
N ASN A 327 5.40 -6.82 -16.66
CA ASN A 327 5.71 -5.41 -16.43
C ASN A 327 7.20 -5.20 -16.13
N PRO A 328 7.81 -4.18 -16.76
CA PRO A 328 9.23 -3.86 -16.60
C PRO A 328 9.60 -3.56 -15.15
N LYS A 329 8.68 -2.95 -14.41
CA LYS A 329 8.90 -2.67 -13.00
C LYS A 329 8.70 -3.94 -12.18
N THR A 330 9.77 -4.35 -11.49
CA THR A 330 9.81 -5.62 -10.77
C THR A 330 8.72 -5.74 -9.69
N ASN A 331 8.51 -4.68 -8.93
N ASN A 331 8.52 -4.67 -8.94
CA ASN A 331 7.53 -4.69 -7.86
CA ASN A 331 7.53 -4.65 -7.86
C ASN A 331 6.09 -4.84 -8.36
C ASN A 331 6.11 -4.86 -8.38
N ILE A 332 5.83 -4.35 -9.57
CA ILE A 332 4.52 -4.52 -10.19
C ILE A 332 4.34 -5.98 -10.55
N GLN A 333 5.40 -6.58 -11.07
CA GLN A 333 5.38 -7.97 -11.49
C GLN A 333 5.25 -8.91 -10.28
N LYS A 334 5.86 -8.53 -9.16
CA LYS A 334 5.80 -9.34 -7.96
C LYS A 334 4.41 -9.31 -7.32
N GLU A 335 3.82 -8.12 -7.23
CA GLU A 335 2.51 -7.97 -6.62
C GLU A 335 1.40 -8.50 -7.50
N ALA A 336 1.62 -8.50 -8.80
CA ALA A 336 0.66 -9.09 -9.74
C ALA A 336 0.65 -10.59 -9.59
N THR A 337 1.83 -11.17 -9.42
CA THR A 337 1.97 -12.62 -9.24
C THR A 337 1.43 -13.04 -7.89
N TRP A 338 1.67 -12.20 -6.88
CA TRP A 338 1.11 -12.43 -5.54
C TRP A 338 -0.41 -12.40 -5.60
N THR A 339 -0.95 -11.47 -6.39
CA THR A 339 -2.38 -11.37 -6.59
C THR A 339 -2.91 -12.62 -7.27
N MET A 340 -2.17 -13.10 -8.26
CA MET A 340 -2.55 -14.31 -8.98
C MET A 340 -2.56 -15.54 -8.08
N SER A 341 -1.65 -15.57 -7.11
CA SER A 341 -1.55 -16.70 -6.19
C SER A 341 -2.79 -16.83 -5.31
N ASN A 342 -3.34 -15.69 -4.92
CA ASN A 342 -4.55 -15.67 -4.11
C ASN A 342 -5.80 -15.96 -4.93
N ILE A 343 -5.74 -15.70 -6.22
CA ILE A 343 -6.85 -15.99 -7.12
C ILE A 343 -6.89 -17.48 -7.46
N THR A 344 -5.71 -18.09 -7.60
CA THR A 344 -5.62 -19.52 -7.85
C THR A 344 -5.89 -20.32 -6.58
N ALA A 345 -6.05 -19.62 -5.46
CA ALA A 345 -6.39 -20.25 -4.19
C ALA A 345 -7.91 -20.23 -3.97
N GLY A 346 -8.64 -19.76 -4.98
CA GLY A 346 -10.09 -19.68 -4.89
C GLY A 346 -10.79 -20.91 -5.45
N ARG A 347 -12.03 -20.73 -5.90
CA ARG A 347 -12.82 -21.84 -6.42
C ARG A 347 -12.25 -22.37 -7.73
N GLN A 348 -12.76 -23.51 -8.17
CA GLN A 348 -12.33 -24.13 -9.42
C GLN A 348 -12.83 -23.34 -10.62
N ASP A 349 -14.00 -22.72 -10.48
CA ASP A 349 -14.55 -21.90 -11.55
C ASP A 349 -13.79 -20.59 -11.68
N GLN A 350 -13.13 -20.20 -10.58
CA GLN A 350 -12.28 -19.02 -10.59
C GLN A 350 -10.91 -19.38 -11.17
N ILE A 351 -10.45 -20.59 -10.89
CA ILE A 351 -9.24 -21.11 -11.50
C ILE A 351 -9.44 -21.24 -13.00
N GLN A 352 -10.66 -21.58 -13.39
CA GLN A 352 -11.02 -21.70 -14.80
C GLN A 352 -10.96 -20.34 -15.50
N GLN A 353 -11.34 -19.29 -14.79
CA GLN A 353 -11.28 -17.94 -15.33
C GLN A 353 -9.84 -17.57 -15.66
N VAL A 354 -8.91 -17.98 -14.80
CA VAL A 354 -7.49 -17.77 -15.01
C VAL A 354 -7.04 -18.49 -16.28
N VAL A 355 -7.54 -19.70 -16.47
CA VAL A 355 -7.24 -20.49 -17.65
C VAL A 355 -7.78 -19.84 -18.92
N ASN A 356 -9.06 -19.43 -18.87
CA ASN A 356 -9.74 -18.83 -20.01
C ASN A 356 -9.07 -17.54 -20.49
N HIS A 357 -8.52 -16.78 -19.56
CA HIS A 357 -7.84 -15.53 -19.91
C HIS A 357 -6.41 -15.77 -20.40
N GLY A 358 -6.02 -17.04 -20.46
CA GLY A 358 -4.71 -17.40 -20.97
C GLY A 358 -3.57 -16.97 -20.07
N LEU A 359 -3.82 -17.00 -18.76
CA LEU A 359 -2.84 -16.50 -17.79
C LEU A 359 -1.85 -17.57 -17.31
N VAL A 360 -2.16 -18.84 -17.59
CA VAL A 360 -1.26 -19.93 -17.21
C VAL A 360 0.11 -19.86 -17.90
N PRO A 361 0.14 -19.62 -19.24
CA PRO A 361 1.46 -19.46 -19.86
C PRO A 361 2.25 -18.28 -19.29
N PHE A 362 1.54 -17.27 -18.80
CA PHE A 362 2.20 -16.12 -18.17
C PHE A 362 2.78 -16.49 -16.81
N LEU A 363 2.11 -17.41 -16.12
CA LEU A 363 2.62 -17.93 -14.86
C LEU A 363 3.85 -18.79 -15.09
N VAL A 364 3.83 -19.55 -16.19
CA VAL A 364 4.97 -20.37 -16.59
C VAL A 364 6.16 -19.47 -16.92
N GLY A 365 5.88 -18.38 -17.62
CA GLY A 365 6.90 -17.42 -18.01
C GLY A 365 7.58 -16.77 -16.82
N VAL A 366 6.77 -16.33 -15.86
CA VAL A 366 7.29 -15.73 -14.63
C VAL A 366 8.12 -16.75 -13.85
N LEU A 367 7.63 -17.98 -13.76
CA LEU A 367 8.34 -19.05 -13.07
C LEU A 367 9.66 -19.35 -13.76
N SER A 368 9.67 -19.21 -15.09
CA SER A 368 10.86 -19.49 -15.88
C SER A 368 11.91 -18.41 -15.73
N LYS A 369 11.49 -17.16 -15.76
CA LYS A 369 12.40 -16.04 -15.65
C LYS A 369 11.76 -14.80 -15.02
N ALA A 370 12.25 -14.44 -13.84
CA ALA A 370 11.80 -13.25 -13.13
C ALA A 370 12.73 -13.00 -11.96
N ASP A 371 12.51 -11.91 -11.23
CA ASP A 371 13.21 -11.68 -9.98
C ASP A 371 12.79 -12.80 -9.04
N PHE A 372 13.71 -13.26 -8.20
CA PHE A 372 13.46 -14.43 -7.36
C PHE A 372 12.23 -14.29 -6.46
N LYS A 373 12.01 -13.08 -5.93
CA LYS A 373 10.85 -12.82 -5.09
C LYS A 373 9.56 -13.02 -5.87
N THR A 374 9.59 -12.68 -7.15
CA THR A 374 8.44 -12.86 -8.02
C THR A 374 8.24 -14.35 -8.33
N GLN A 375 9.34 -15.05 -8.56
CA GLN A 375 9.30 -16.49 -8.82
C GLN A 375 8.74 -17.25 -7.62
N LYS A 376 9.02 -16.75 -6.42
CA LYS A 376 8.54 -17.37 -5.20
C LYS A 376 7.02 -17.24 -5.11
N GLU A 377 6.51 -16.09 -5.54
CA GLU A 377 5.07 -15.87 -5.58
C GLU A 377 4.43 -16.75 -6.66
N ALA A 378 5.18 -17.00 -7.73
CA ALA A 378 4.71 -17.84 -8.82
C ALA A 378 4.60 -19.29 -8.35
N ALA A 379 5.56 -19.73 -7.55
CA ALA A 379 5.54 -21.07 -6.97
C ALA A 379 4.29 -21.24 -6.10
N TRP A 380 3.95 -20.19 -5.37
CA TRP A 380 2.74 -20.19 -4.55
C TRP A 380 1.50 -20.29 -5.41
N ALA A 381 1.50 -19.56 -6.53
CA ALA A 381 0.38 -19.58 -7.46
C ALA A 381 0.17 -20.96 -8.05
N ILE A 382 1.26 -21.69 -8.25
CA ILE A 382 1.19 -23.03 -8.82
C ILE A 382 0.69 -24.04 -7.78
N THR A 383 1.22 -23.95 -6.57
CA THR A 383 0.82 -24.85 -5.49
C THR A 383 -0.65 -24.66 -5.14
N ASN A 384 -1.10 -23.41 -5.10
CA ASN A 384 -2.50 -23.11 -4.89
C ASN A 384 -3.38 -23.62 -6.03
N TYR A 385 -2.87 -23.47 -7.25
CA TYR A 385 -3.55 -23.95 -8.45
C TYR A 385 -3.76 -25.45 -8.37
N THR A 386 -2.67 -26.17 -8.12
CA THR A 386 -2.70 -27.63 -8.09
C THR A 386 -3.46 -28.19 -6.89
N SER A 387 -3.50 -27.42 -5.80
CA SER A 387 -4.17 -27.85 -4.59
C SER A 387 -5.69 -27.90 -4.74
N GLY A 388 -6.24 -26.90 -5.42
CA GLY A 388 -7.68 -26.77 -5.52
C GLY A 388 -8.26 -27.03 -6.89
N GLY A 389 -7.39 -27.19 -7.88
CA GLY A 389 -7.84 -27.36 -9.25
C GLY A 389 -8.31 -28.75 -9.60
N THR A 390 -9.14 -28.85 -10.64
CA THR A 390 -9.57 -30.15 -11.13
C THR A 390 -8.42 -30.85 -11.82
N VAL A 391 -8.56 -32.16 -12.03
CA VAL A 391 -7.54 -32.95 -12.72
C VAL A 391 -7.29 -32.38 -14.13
N GLU A 392 -8.36 -31.97 -14.79
N GLU A 392 -8.36 -31.97 -14.79
CA GLU A 392 -8.27 -31.41 -16.14
CA GLU A 392 -8.27 -31.42 -16.14
C GLU A 392 -7.45 -30.13 -16.14
C GLU A 392 -7.47 -30.11 -16.15
N GLN A 393 -7.65 -29.31 -15.12
CA GLN A 393 -6.94 -28.04 -14.99
C GLN A 393 -5.46 -28.26 -14.67
N ILE A 394 -5.19 -29.28 -13.86
CA ILE A 394 -3.82 -29.63 -13.49
C ILE A 394 -3.07 -30.21 -14.69
N VAL A 395 -3.76 -31.01 -15.49
CA VAL A 395 -3.20 -31.56 -16.71
C VAL A 395 -2.81 -30.45 -17.68
N TYR A 396 -3.70 -29.47 -17.81
CA TYR A 396 -3.47 -28.31 -18.67
C TYR A 396 -2.22 -27.54 -18.23
N LEU A 397 -1.99 -27.49 -16.93
CA LEU A 397 -0.84 -26.80 -16.37
C LEU A 397 0.45 -27.45 -16.85
N VAL A 398 0.46 -28.77 -16.89
CA VAL A 398 1.62 -29.53 -17.35
C VAL A 398 1.84 -29.35 -18.84
N HIS A 399 0.75 -29.33 -19.60
N HIS A 399 0.74 -29.32 -19.60
CA HIS A 399 0.80 -29.16 -21.05
CA HIS A 399 0.82 -29.17 -21.04
C HIS A 399 1.36 -27.79 -21.43
C HIS A 399 1.35 -27.80 -21.45
N CYS A 400 1.25 -26.84 -20.53
CA CYS A 400 1.77 -25.49 -20.77
C CYS A 400 3.26 -25.41 -20.45
N GLY A 401 3.81 -26.47 -19.89
CA GLY A 401 5.24 -26.56 -19.62
C GLY A 401 5.64 -26.06 -18.24
N ILE A 402 4.87 -26.45 -17.23
CA ILE A 402 5.13 -26.00 -15.87
C ILE A 402 6.26 -26.77 -15.19
N ILE A 403 6.49 -28.00 -15.64
CA ILE A 403 7.42 -28.91 -14.96
C ILE A 403 8.87 -28.41 -14.96
N GLU A 404 9.42 -28.14 -16.13
CA GLU A 404 10.83 -27.75 -16.26
C GLU A 404 11.24 -26.51 -15.42
N PRO A 405 10.49 -25.40 -15.51
CA PRO A 405 10.89 -24.26 -14.67
C PRO A 405 10.62 -24.51 -13.19
N LEU A 406 9.69 -25.43 -12.90
CA LEU A 406 9.39 -25.78 -11.52
C LEU A 406 10.55 -26.58 -10.93
N MET A 407 11.17 -27.43 -11.74
CA MET A 407 12.30 -28.24 -11.30
C MET A 407 13.57 -27.41 -11.17
N ASN A 408 13.74 -26.43 -12.06
CA ASN A 408 14.90 -25.57 -12.04
C ASN A 408 15.02 -24.74 -10.76
N LEU A 409 13.88 -24.48 -10.13
CA LEU A 409 13.83 -23.67 -8.92
C LEU A 409 14.11 -24.49 -7.65
N LEU A 410 14.23 -25.81 -7.81
CA LEU A 410 14.53 -26.67 -6.68
C LEU A 410 15.99 -26.51 -6.22
N SER A 411 16.79 -25.83 -7.04
CA SER A 411 18.18 -25.56 -6.73
C SER A 411 18.34 -24.21 -6.04
N ALA A 412 17.23 -23.60 -5.67
CA ALA A 412 17.25 -22.33 -4.97
C ALA A 412 17.64 -22.52 -3.50
N LYS A 413 18.45 -21.62 -2.98
CA LYS A 413 18.88 -21.70 -1.58
C LYS A 413 17.86 -21.09 -0.65
N ASP A 414 16.58 -21.40 -0.90
CA ASP A 414 15.49 -20.89 -0.09
C ASP A 414 14.61 -22.07 0.35
N THR A 415 14.63 -22.35 1.65
CA THR A 415 13.94 -23.51 2.20
C THR A 415 12.43 -23.50 1.91
N LYS A 416 11.80 -22.35 2.06
CA LYS A 416 10.34 -22.27 1.92
C LYS A 416 9.85 -22.56 0.50
N ILE A 417 10.52 -21.99 -0.50
CA ILE A 417 10.10 -22.21 -1.89
C ILE A 417 10.28 -23.66 -2.30
N ILE A 418 11.28 -24.34 -1.73
CA ILE A 418 11.51 -25.75 -2.00
C ILE A 418 10.34 -26.57 -1.47
N GLN A 419 9.88 -26.22 -0.27
CA GLN A 419 8.71 -26.86 0.32
C GLN A 419 7.49 -26.64 -0.57
N VAL A 420 7.29 -25.41 -0.99
CA VAL A 420 6.16 -25.03 -1.84
C VAL A 420 6.14 -25.81 -3.15
N ILE A 421 7.30 -25.91 -3.79
CA ILE A 421 7.41 -26.64 -5.06
C ILE A 421 7.14 -28.13 -4.88
N LEU A 422 7.69 -28.70 -3.81
CA LEU A 422 7.49 -30.12 -3.52
C LEU A 422 6.02 -30.45 -3.32
N ASP A 423 5.27 -29.51 -2.74
CA ASP A 423 3.83 -29.67 -2.58
C ASP A 423 3.14 -29.69 -3.94
N ALA A 424 3.62 -28.84 -4.84
CA ALA A 424 3.08 -28.77 -6.19
C ALA A 424 3.31 -30.07 -6.95
N ILE A 425 4.56 -30.54 -6.94
CA ILE A 425 4.93 -31.79 -7.59
C ILE A 425 4.09 -32.94 -7.05
N SER A 426 3.85 -32.92 -5.74
CA SER A 426 3.02 -33.93 -5.09
C SER A 426 1.59 -33.89 -5.63
N ASN A 427 1.01 -32.71 -5.68
CA ASN A 427 -0.36 -32.53 -6.15
C ASN A 427 -0.52 -32.91 -7.63
N ILE A 428 0.51 -32.67 -8.42
CA ILE A 428 0.49 -33.02 -9.83
C ILE A 428 0.54 -34.53 -10.01
N PHE A 429 1.35 -35.20 -9.18
CA PHE A 429 1.43 -36.66 -9.21
C PHE A 429 0.12 -37.30 -8.80
N GLN A 430 -0.59 -36.67 -7.86
CA GLN A 430 -1.88 -37.17 -7.40
C GLN A 430 -2.90 -37.16 -8.54
N ALA A 431 -2.81 -36.15 -9.39
CA ALA A 431 -3.69 -36.04 -10.55
C ALA A 431 -3.31 -37.06 -11.62
N ALA A 432 -2.03 -37.43 -11.64
CA ALA A 432 -1.54 -38.42 -12.59
C ALA A 432 -2.01 -39.83 -12.20
N GLU A 433 -2.21 -40.04 -10.90
CA GLU A 433 -2.70 -41.32 -10.40
C GLU A 433 -4.12 -41.58 -10.87
N LYS A 434 -4.93 -40.52 -10.91
CA LYS A 434 -6.32 -40.63 -11.32
C LYS A 434 -6.45 -40.91 -12.82
N LEU A 435 -5.35 -40.74 -13.54
CA LEU A 435 -5.34 -40.99 -14.98
C LEU A 435 -4.39 -42.12 -15.34
N GLY A 436 -3.67 -42.62 -14.34
CA GLY A 436 -2.69 -43.68 -14.55
C GLY A 436 -1.55 -43.21 -15.44
N GLU A 437 -1.06 -42.00 -15.18
CA GLU A 437 -0.02 -41.40 -16.00
C GLU A 437 1.19 -40.97 -15.17
N THR A 438 1.35 -41.58 -14.00
CA THR A 438 2.45 -41.25 -13.10
C THR A 438 3.79 -41.60 -13.72
N GLU A 439 3.80 -42.64 -14.55
CA GLU A 439 5.02 -43.07 -15.24
C GLU A 439 5.46 -42.02 -16.24
N LYS A 440 4.50 -41.50 -17.01
CA LYS A 440 4.78 -40.47 -18.00
C LYS A 440 5.27 -39.19 -17.35
N LEU A 441 4.74 -38.89 -16.17
CA LEU A 441 5.14 -37.69 -15.43
C LEU A 441 6.54 -37.87 -14.86
N SER A 442 6.85 -39.09 -14.41
CA SER A 442 8.14 -39.40 -13.83
C SER A 442 9.27 -39.21 -14.86
N ILE A 443 8.97 -39.53 -16.11
CA ILE A 443 9.94 -39.40 -17.19
C ILE A 443 10.24 -37.92 -17.48
N MET A 444 9.18 -37.12 -17.53
CA MET A 444 9.31 -35.68 -17.77
C MET A 444 10.22 -35.04 -16.72
N ILE A 445 10.00 -35.41 -15.46
CA ILE A 445 10.81 -34.91 -14.37
C ILE A 445 12.23 -35.46 -14.47
N GLU A 446 12.35 -36.69 -14.98
CA GLU A 446 13.66 -37.32 -15.15
C GLU A 446 14.43 -36.71 -16.32
N GLU A 447 13.69 -36.28 -17.35
CA GLU A 447 14.32 -35.77 -18.57
C GLU A 447 14.84 -34.34 -18.44
N CYS A 448 14.35 -33.60 -17.44
CA CYS A 448 14.77 -32.22 -17.26
C CYS A 448 15.63 -32.03 -16.01
N GLY A 449 16.13 -33.13 -15.48
CA GLY A 449 17.02 -33.08 -14.32
C GLY A 449 16.30 -32.85 -13.01
N GLY A 450 14.98 -33.03 -13.02
CA GLY A 450 14.19 -32.86 -11.82
C GLY A 450 14.43 -33.95 -10.80
N LEU A 451 14.57 -35.19 -11.27
CA LEU A 451 14.79 -36.33 -10.39
C LEU A 451 16.11 -36.21 -9.63
N ASP A 452 17.12 -35.64 -10.28
CA ASP A 452 18.42 -35.41 -9.65
C ASP A 452 18.29 -34.49 -8.45
N LYS A 453 17.48 -33.45 -8.59
CA LYS A 453 17.31 -32.46 -7.54
C LYS A 453 16.44 -32.99 -6.40
N ILE A 454 15.40 -33.73 -6.74
CA ILE A 454 14.54 -34.34 -5.72
C ILE A 454 15.31 -35.39 -4.93
N GLU A 455 16.23 -36.07 -5.61
CA GLU A 455 17.07 -37.08 -4.96
C GLU A 455 18.02 -36.46 -3.94
N ALA A 456 18.67 -35.36 -4.34
CA ALA A 456 19.63 -34.69 -3.48
C ALA A 456 18.93 -33.96 -2.33
N LEU A 457 17.62 -33.76 -2.46
CA LEU A 457 16.84 -33.11 -1.42
C LEU A 457 16.46 -34.07 -0.29
N GLN A 458 16.73 -35.35 -0.50
CA GLN A 458 16.51 -36.36 0.53
C GLN A 458 17.46 -36.14 1.69
N ARG A 459 18.63 -35.59 1.37
CA ARG A 459 19.63 -35.25 2.39
C ARG A 459 19.69 -33.73 2.55
N HIS A 460 18.56 -33.14 2.92
CA HIS A 460 18.46 -31.70 3.10
C HIS A 460 18.37 -31.37 4.58
N GLU A 461 18.80 -30.17 4.95
CA GLU A 461 18.89 -29.75 6.34
C GLU A 461 17.52 -29.66 7.03
N ASN A 462 16.46 -29.46 6.24
CA ASN A 462 15.12 -29.32 6.80
C ASN A 462 14.43 -30.67 6.95
N GLU A 463 13.52 -30.75 7.91
CA GLU A 463 12.81 -32.00 8.21
C GLU A 463 11.79 -32.37 7.14
N SER A 464 10.82 -31.48 6.93
CA SER A 464 9.74 -31.75 5.98
C SER A 464 10.21 -31.76 4.53
N VAL A 465 11.33 -31.09 4.27
CA VAL A 465 11.91 -31.08 2.93
C VAL A 465 12.48 -32.47 2.60
N TYR A 466 13.29 -32.99 3.51
CA TYR A 466 13.85 -34.33 3.35
C TYR A 466 12.77 -35.39 3.38
N LYS A 467 11.71 -35.13 4.13
CA LYS A 467 10.59 -36.05 4.26
C LYS A 467 9.81 -36.16 2.95
N ALA A 468 9.43 -35.01 2.40
CA ALA A 468 8.64 -34.97 1.18
C ALA A 468 9.43 -35.44 -0.04
N SER A 469 10.73 -35.12 -0.05
CA SER A 469 11.60 -35.50 -1.15
C SER A 469 11.78 -37.02 -1.22
N LEU A 470 12.13 -37.60 -0.08
CA LEU A 470 12.31 -39.06 0.00
C LEU A 470 11.00 -39.78 -0.26
N ASN A 471 9.89 -39.17 0.16
CA ASN A 471 8.56 -39.71 -0.08
C ASN A 471 8.28 -39.80 -1.58
N LEU A 472 8.64 -38.74 -2.30
CA LEU A 472 8.44 -38.69 -3.75
C LEU A 472 9.27 -39.74 -4.49
N ILE A 473 10.51 -39.94 -4.04
CA ILE A 473 11.41 -40.89 -4.68
C ILE A 473 10.88 -42.32 -4.64
N GLU A 474 10.58 -42.81 -3.44
CA GLU A 474 10.15 -44.19 -3.28
C GLU A 474 8.75 -44.45 -3.84
N LYS A 475 7.96 -43.39 -3.94
CA LYS A 475 6.57 -43.53 -4.39
C LYS A 475 6.44 -43.50 -5.92
N TYR A 476 7.31 -42.75 -6.58
CA TYR A 476 7.18 -42.56 -8.02
C TYR A 476 8.46 -42.84 -8.81
N PHE A 477 9.56 -43.09 -8.10
CA PHE A 477 10.84 -43.36 -8.76
C PHE A 477 11.51 -44.58 -8.17
N GLY B 4 -6.11 -21.03 1.11
CA GLY B 4 -4.69 -20.85 0.84
C GLY B 4 -4.33 -19.40 0.62
N LYS B 5 -5.23 -18.51 1.02
CA LYS B 5 -5.02 -17.07 0.87
C LYS B 5 -3.84 -16.61 1.73
N ARG B 6 -3.06 -15.67 1.21
CA ARG B 6 -1.94 -15.12 1.96
C ARG B 6 -2.00 -13.59 1.97
N LYS B 7 -2.31 -13.03 3.13
CA LYS B 7 -2.45 -11.58 3.29
C LYS B 7 -1.14 -10.86 3.04
N LEU B 8 -1.21 -9.53 2.91
CA LEU B 8 -0.04 -8.71 2.69
C LEU B 8 0.87 -8.71 3.91
N SER B 28 3.76 7.08 -1.46
CA SER B 28 3.04 7.94 -0.53
C SER B 28 3.73 7.97 0.83
N VAL B 29 4.55 8.98 1.05
CA VAL B 29 5.27 9.14 2.31
C VAL B 29 4.35 9.63 3.43
N PRO B 30 4.58 9.14 4.66
CA PRO B 30 3.77 9.50 5.82
C PRO B 30 3.87 10.98 6.18
N LYS B 31 5.08 11.53 6.07
CA LYS B 31 5.31 12.93 6.44
C LYS B 31 6.01 13.70 5.32
N ARG B 32 5.67 14.98 5.19
CA ARG B 32 6.28 15.85 4.18
C ARG B 32 6.50 17.25 4.74
N PRO B 33 7.72 17.79 4.58
CA PRO B 33 7.95 19.20 4.93
C PRO B 33 7.55 20.09 3.77
N LYS B 34 7.09 21.31 4.06
CA LYS B 34 6.78 22.27 3.01
C LYS B 34 8.01 23.09 2.65
N LEU B 35 8.45 22.95 1.40
CA LEU B 35 9.64 23.63 0.92
C LEU B 35 9.25 24.85 0.09
N PRO B 36 10.13 25.87 0.05
CA PRO B 36 9.86 27.10 -0.70
C PRO B 36 9.58 26.83 -2.18
S SO4 C . -13.67 6.05 19.82
O1 SO4 C . -14.42 5.69 21.03
O2 SO4 C . -13.67 7.51 19.68
O3 SO4 C . -12.30 5.56 19.92
O4 SO4 C . -14.32 5.45 18.65
C1 GOL D . -15.34 -9.76 -17.22
O1 GOL D . -16.67 -10.04 -17.59
C2 GOL D . -14.42 -10.88 -17.71
O2 GOL D . -13.12 -10.37 -17.89
C3 GOL D . -14.40 -12.00 -16.68
O3 GOL D . -15.70 -12.53 -16.54
CL CL E . 12.56 -2.21 -11.45
CL CL F . 1.51 4.70 17.15
#